data_4QE3
#
_entry.id   4QE3
#
_cell.length_a   60.725
_cell.length_b   68.128
_cell.length_c   76.307
_cell.angle_alpha   90.00
_cell.angle_beta   90.00
_cell.angle_gamma   90.00
#
_symmetry.space_group_name_H-M   'P 21 21 21'
#
loop_
_entity.id
_entity.type
_entity.pdbx_description
1 polymer 'Diacylglycerol acyltransferase/mycolyltransferase Ag85C'
2 non-polymer CHAPSO
3 non-polymer 'ACETIC ACID'
4 water water
#
_entity_poly.entity_id   1
_entity_poly.type   'polypeptide(L)'
_entity_poly.pdbx_seq_one_letter_code
;MAFSRPGLPVEYLQVPSASMGRDIKVQFQGGGPHAVYLLDGLRAQDDYNGWDINTPAFEEYYQSGLSVIMPVGGQSSFYT
DWYQPSQSNGQNYTYKWETFLTREMPAWLQANKGVSPTGNAAVGLSMSGGSALILAAYYPQQFPYAASLSGFLNPSEGWW
PTLIGLAMNDSGGYNANSMWGPSSDPAWKRNDPMVQIPRLVANNTRIWVYCGNGTPSDLGGDNIPAKFLEGLTLRTNQTF
RDTYAADGGRNGVFNFPPNGTQSWPYWNEQLVAMKADIQHVLNGATPPAAPAAPAAHHHHHH
;
_entity_poly.pdbx_strand_id   A
#
loop_
_chem_comp.id
_chem_comp.type
_chem_comp.name
_chem_comp.formula
1N7 non-polymer CHAPSO 'C32 H59 N2 O8 S 1'
ACY non-polymer 'ACETIC ACID' 'C2 H4 O2'
#
# COMPACT_ATOMS: atom_id res chain seq x y z
N LEU A 8 -13.26 22.14 1.13
CA LEU A 8 -12.00 21.42 1.26
C LEU A 8 -11.06 21.75 0.11
N PRO A 9 -9.80 22.09 0.43
CA PRO A 9 -8.79 22.55 -0.54
C PRO A 9 -8.19 21.43 -1.40
N VAL A 10 -9.00 20.48 -1.83
CA VAL A 10 -8.50 19.30 -2.53
C VAL A 10 -8.15 19.62 -3.98
N GLU A 11 -6.99 19.13 -4.42
CA GLU A 11 -6.49 19.39 -5.76
C GLU A 11 -6.36 18.10 -6.54
N TYR A 12 -6.38 18.22 -7.86
CA TYR A 12 -6.03 17.10 -8.72
C TYR A 12 -4.85 17.53 -9.58
N LEU A 13 -3.78 16.76 -9.50
CA LEU A 13 -2.51 17.12 -10.11
C LEU A 13 -2.17 16.15 -11.22
N GLN A 14 -1.44 16.64 -12.22
CA GLN A 14 -0.89 15.80 -13.27
C GLN A 14 0.61 15.73 -13.09
N VAL A 15 1.12 14.58 -12.66
CA VAL A 15 2.52 14.42 -12.33
C VAL A 15 3.20 13.52 -13.36
N PRO A 16 4.10 14.10 -14.17
CA PRO A 16 4.77 13.26 -15.17
C PRO A 16 5.57 12.13 -14.54
N SER A 17 5.45 10.94 -15.14
CA SER A 17 6.30 9.82 -14.81
C SER A 17 7.22 9.54 -15.99
N ALA A 18 8.51 9.84 -15.85
CA ALA A 18 9.46 9.51 -16.90
C ALA A 18 9.54 8.00 -17.10
N SER A 19 9.48 7.26 -16.00
CA SER A 19 9.67 5.81 -16.06
C SER A 19 8.51 5.11 -16.74
N MET A 20 7.31 5.67 -16.65
CA MET A 20 6.14 5.07 -17.30
C MET A 20 5.71 5.78 -18.59
N GLY A 21 6.36 6.90 -18.91
CA GLY A 21 6.11 7.61 -20.15
C GLY A 21 4.71 8.21 -20.24
N ARG A 22 4.17 8.64 -19.10
CA ARG A 22 2.83 9.22 -19.07
C ARG A 22 2.65 10.03 -17.81
N ASP A 23 1.60 10.85 -17.78
CA ASP A 23 1.27 11.62 -16.60
C ASP A 23 0.40 10.80 -15.68
N ILE A 24 0.70 10.88 -14.38
CA ILE A 24 -0.07 10.20 -13.36
C ILE A 24 -0.91 11.22 -12.62
N LYS A 25 -2.21 10.98 -12.54
CA LYS A 25 -3.08 11.86 -11.77
C LYS A 25 -2.91 11.59 -10.28
N VAL A 26 -2.85 12.66 -9.51
CA VAL A 26 -2.70 12.55 -8.05
C VAL A 26 -3.69 13.48 -7.39
N GLN A 27 -4.52 12.95 -6.49
CA GLN A 27 -5.40 13.81 -5.70
C GLN A 27 -4.64 14.21 -4.45
N PHE A 28 -4.75 15.46 -4.05
CA PHE A 28 -3.87 16.01 -3.03
C PHE A 28 -4.60 16.98 -2.11
N GLN A 29 -4.38 16.86 -0.80
CA GLN A 29 -4.83 17.86 0.14
C GLN A 29 -3.64 18.24 1.00
N GLY A 30 -3.31 19.53 1.05
CA GLY A 30 -2.19 19.98 1.85
C GLY A 30 -2.51 19.99 3.33
N GLY A 31 -1.69 20.67 4.12
CA GLY A 31 -1.96 20.79 5.54
C GLY A 31 -0.78 20.50 6.43
N GLY A 32 0.37 20.16 5.83
CA GLY A 32 1.58 19.94 6.56
C GLY A 32 2.70 19.41 5.69
N PRO A 33 3.96 19.55 6.15
CA PRO A 33 5.09 19.08 5.35
C PRO A 33 5.14 17.56 5.22
N HIS A 34 4.61 16.84 6.19
CA HIS A 34 4.56 15.39 6.08
C HIS A 34 3.21 14.91 5.65
N ALA A 35 3.20 13.73 5.04
CA ALA A 35 2.03 13.30 4.29
C ALA A 35 1.69 11.85 4.58
N VAL A 36 0.42 11.54 4.42
CA VAL A 36 -0.06 10.17 4.35
C VAL A 36 -0.28 9.83 2.89
N TYR A 37 0.45 8.82 2.41
CA TYR A 37 0.25 8.26 1.08
C TYR A 37 -0.87 7.22 1.17
N LEU A 38 -2.03 7.53 0.62
CA LEU A 38 -3.18 6.62 0.68
C LEU A 38 -3.28 5.82 -0.60
N LEU A 39 -2.86 4.55 -0.52
CA LEU A 39 -2.78 3.70 -1.68
C LEU A 39 -4.10 2.97 -1.90
N ASP A 40 -4.41 2.69 -3.16
CA ASP A 40 -5.69 2.11 -3.57
C ASP A 40 -5.66 0.58 -3.54
N GLY A 41 -6.83 -0.01 -3.74
CA GLY A 41 -6.97 -1.46 -3.79
C GLY A 41 -6.78 -2.04 -5.18
N LEU A 42 -7.09 -3.32 -5.30
CA LEU A 42 -6.83 -4.08 -6.52
C LEU A 42 -7.48 -3.50 -7.78
N ARG A 43 -8.67 -2.94 -7.63
CA ARG A 43 -9.44 -2.49 -8.80
C ARG A 43 -9.36 -0.99 -9.00
N ALA A 44 -8.20 -0.42 -8.67
CA ALA A 44 -7.96 1.01 -8.79
C ALA A 44 -8.39 1.56 -10.15
N GLN A 45 -9.16 2.65 -10.15
CA GLN A 45 -9.66 3.26 -11.37
C GLN A 45 -8.77 4.42 -11.79
N ASP A 46 -8.97 4.91 -13.01
CA ASP A 46 -8.12 5.96 -13.55
C ASP A 46 -8.70 7.36 -13.35
N ASP A 47 -9.89 7.46 -12.77
CA ASP A 47 -10.45 8.79 -12.51
C ASP A 47 -10.21 9.28 -11.07
N TYR A 48 -10.52 8.44 -10.09
CA TYR A 48 -10.38 8.79 -8.68
C TYR A 48 -9.84 7.60 -7.91
N ASN A 49 -9.09 7.90 -6.86
CA ASN A 49 -8.62 6.91 -5.90
C ASN A 49 -9.81 6.37 -5.10
N GLY A 50 -9.81 5.05 -4.86
CA GLY A 50 -10.87 4.40 -4.10
C GLY A 50 -11.16 5.01 -2.75
N TRP A 51 -10.15 5.58 -2.08
CA TRP A 51 -10.41 6.24 -0.81
C TRP A 51 -11.34 7.42 -0.99
N ASP A 52 -11.19 8.17 -2.09
CA ASP A 52 -12.06 9.33 -2.28
C ASP A 52 -13.43 8.92 -2.84
N ILE A 53 -13.48 7.84 -3.60
CA ILE A 53 -14.75 7.33 -4.10
C ILE A 53 -15.64 6.86 -2.95
N ASN A 54 -15.03 6.19 -1.96
CA ASN A 54 -15.78 5.41 -0.99
C ASN A 54 -15.76 5.89 0.45
N THR A 55 -14.93 6.86 0.78
CA THR A 55 -14.75 7.25 2.18
C THR A 55 -14.65 8.75 2.35
N PRO A 56 -14.81 9.23 3.59
CA PRO A 56 -14.55 10.65 3.85
C PRO A 56 -13.12 10.93 4.29
N ALA A 57 -12.15 10.18 3.75
CA ALA A 57 -10.75 10.33 4.16
C ALA A 57 -10.21 11.76 4.13
N PHE A 58 -10.43 12.51 3.05
CA PHE A 58 -9.91 13.87 3.00
C PHE A 58 -10.50 14.72 4.14
N GLU A 59 -11.81 14.66 4.32
CA GLU A 59 -12.44 15.43 5.39
C GLU A 59 -11.93 15.01 6.77
N GLU A 60 -11.73 13.71 6.96
CA GLU A 60 -11.28 13.20 8.24
C GLU A 60 -9.86 13.67 8.60
N TYR A 61 -9.03 13.88 7.59
CA TYR A 61 -7.65 14.32 7.82
C TYR A 61 -7.45 15.81 7.59
N TYR A 62 -8.53 16.52 7.28
CA TYR A 62 -8.46 17.97 7.17
C TYR A 62 -8.08 18.57 8.52
N GLN A 63 -7.09 19.48 8.51
CA GLN A 63 -6.57 20.13 9.71
C GLN A 63 -5.94 19.14 10.71
N SER A 64 -5.43 18.03 10.19
CA SER A 64 -4.71 17.05 10.98
C SER A 64 -3.23 17.39 11.16
N GLY A 65 -2.76 18.39 10.42
CA GLY A 65 -1.33 18.68 10.42
C GLY A 65 -0.57 17.83 9.42
N LEU A 66 -1.30 17.01 8.67
CA LEU A 66 -0.72 16.12 7.66
C LEU A 66 -1.32 16.42 6.29
N SER A 67 -0.50 16.37 5.26
CA SER A 67 -1.00 16.32 3.90
C SER A 67 -1.51 14.92 3.57
N VAL A 68 -2.39 14.84 2.59
CA VAL A 68 -2.93 13.55 2.15
C VAL A 68 -2.71 13.43 0.64
N ILE A 69 -2.06 12.35 0.23
CA ILE A 69 -1.72 12.10 -1.15
C ILE A 69 -2.44 10.84 -1.62
N MET A 70 -3.29 10.95 -2.63
CA MET A 70 -3.98 9.79 -3.19
C MET A 70 -3.60 9.63 -4.66
N PRO A 71 -2.61 8.79 -4.96
CA PRO A 71 -2.31 8.55 -6.38
C PRO A 71 -3.49 7.89 -7.08
N VAL A 72 -3.68 8.19 -8.35
CA VAL A 72 -4.77 7.64 -9.12
C VAL A 72 -4.25 6.67 -10.17
N GLY A 73 -4.86 5.50 -10.26
CA GLY A 73 -4.53 4.54 -11.28
C GLY A 73 -3.77 3.34 -10.75
N GLY A 74 -3.22 2.56 -11.67
CA GLY A 74 -2.42 1.41 -11.30
C GLY A 74 -3.20 0.16 -10.89
N GLN A 75 -4.31 -0.10 -11.58
CA GLN A 75 -5.06 -1.33 -11.36
C GLN A 75 -4.15 -2.57 -11.34
N SER A 76 -4.30 -3.37 -10.29
CA SER A 76 -3.55 -4.62 -10.14
C SER A 76 -2.03 -4.46 -10.18
N SER A 77 -1.54 -3.24 -9.92
CA SER A 77 -0.10 -2.98 -10.05
C SER A 77 0.74 -3.43 -8.86
N PHE A 78 0.10 -3.62 -7.71
CA PHE A 78 0.79 -3.82 -6.42
C PHE A 78 1.77 -2.69 -6.08
N TYR A 79 1.59 -1.55 -6.75
CA TYR A 79 2.47 -0.39 -6.58
C TYR A 79 3.93 -0.79 -6.60
N THR A 80 4.27 -1.63 -7.56
CA THR A 80 5.61 -2.18 -7.65
C THR A 80 6.19 -1.85 -9.03
N ASP A 81 7.49 -2.07 -9.19
CA ASP A 81 8.11 -1.97 -10.51
C ASP A 81 8.02 -3.36 -11.16
N TRP A 82 7.34 -3.42 -12.30
CA TRP A 82 7.15 -4.66 -13.04
C TRP A 82 8.35 -4.98 -13.92
N TYR A 83 8.50 -6.27 -14.26
CA TYR A 83 9.53 -6.68 -15.19
C TYR A 83 9.22 -6.27 -16.62
N GLN A 84 7.95 -6.34 -17.00
CA GLN A 84 7.57 -6.09 -18.39
C GLN A 84 6.10 -5.66 -18.47
N PRO A 85 5.65 -5.17 -19.64
CA PRO A 85 4.22 -4.86 -19.81
C PRO A 85 3.37 -6.09 -19.60
N SER A 86 2.15 -5.91 -19.12
CA SER A 86 1.32 -7.05 -18.79
C SER A 86 1.03 -7.95 -20.00
N GLN A 87 1.46 -9.20 -19.85
CA GLN A 87 1.21 -10.36 -20.72
C GLN A 87 -0.25 -10.74 -20.95
N SER A 88 -1.04 -9.91 -21.62
CA SER A 88 -2.49 -10.13 -21.58
C SER A 88 -3.36 -9.10 -22.28
N ASN A 89 -3.50 -7.98 -21.59
CA ASN A 89 -4.60 -7.03 -21.74
C ASN A 89 -4.28 -5.80 -22.56
N GLY A 90 -3.19 -5.87 -23.31
CA GLY A 90 -2.81 -4.82 -24.22
C GLY A 90 -2.05 -3.66 -23.59
N GLN A 91 -1.60 -3.82 -22.35
CA GLN A 91 -0.78 -2.78 -21.73
C GLN A 91 0.46 -2.51 -22.57
N ASN A 92 0.71 -1.24 -22.89
CA ASN A 92 1.78 -0.92 -23.84
C ASN A 92 2.96 -0.20 -23.22
N TYR A 93 3.09 -0.34 -21.90
CA TYR A 93 4.21 0.21 -21.15
C TYR A 93 4.38 -0.67 -19.92
N THR A 94 5.49 -0.49 -19.22
CA THR A 94 5.75 -1.25 -18.01
C THR A 94 5.43 -0.42 -16.78
N TYR A 95 4.59 -0.96 -15.89
CA TYR A 95 4.34 -0.33 -14.61
C TYR A 95 5.65 -0.11 -13.84
N LYS A 96 5.86 1.10 -13.35
CA LYS A 96 7.02 1.41 -12.52
C LYS A 96 6.54 2.23 -11.32
N TRP A 97 5.63 1.64 -10.55
CA TRP A 97 4.97 2.39 -9.49
C TRP A 97 5.83 2.58 -8.24
N GLU A 98 6.80 1.69 -8.01
CA GLU A 98 7.71 1.90 -6.90
C GLU A 98 8.63 3.10 -7.21
N THR A 99 9.11 3.18 -8.44
CA THR A 99 9.89 4.34 -8.86
C THR A 99 9.06 5.62 -8.74
N PHE A 100 7.80 5.57 -9.18
CA PHE A 100 6.96 6.74 -9.10
C PHE A 100 6.74 7.18 -7.64
N LEU A 101 6.39 6.25 -6.76
CA LEU A 101 6.07 6.63 -5.38
C LEU A 101 7.27 7.04 -4.57
N THR A 102 8.46 6.54 -4.92
CA THR A 102 9.62 6.81 -4.06
C THR A 102 10.55 7.86 -4.63
N ARG A 103 10.41 8.17 -5.91
CA ARG A 103 11.29 9.15 -6.54
C ARG A 103 10.50 10.22 -7.28
N GLU A 104 9.77 9.84 -8.33
CA GLU A 104 9.18 10.84 -9.20
C GLU A 104 8.12 11.70 -8.52
N MET A 105 7.18 11.06 -7.84
CA MET A 105 6.11 11.81 -7.19
C MET A 105 6.63 12.68 -6.02
N PRO A 106 7.41 12.11 -5.08
CA PRO A 106 7.90 13.00 -4.00
C PRO A 106 8.79 14.14 -4.52
N ALA A 107 9.54 13.90 -5.60
CA ALA A 107 10.36 14.97 -6.17
C ALA A 107 9.48 16.13 -6.63
N TRP A 108 8.37 15.79 -7.30
CA TRP A 108 7.45 16.80 -7.81
C TRP A 108 6.75 17.55 -6.67
N LEU A 109 6.29 16.81 -5.66
CA LEU A 109 5.57 17.44 -4.55
C LEU A 109 6.51 18.30 -3.71
N GLN A 110 7.77 17.89 -3.60
CA GLN A 110 8.73 18.71 -2.87
C GLN A 110 9.02 20.00 -3.63
N ALA A 111 9.36 19.88 -4.91
CA ALA A 111 9.76 21.03 -5.72
C ALA A 111 8.64 22.04 -5.83
N ASN A 112 7.42 21.58 -5.98
CA ASN A 112 6.30 22.48 -6.26
C ASN A 112 5.51 22.93 -5.06
N LYS A 113 5.49 22.13 -4.01
CA LYS A 113 4.64 22.45 -2.88
C LYS A 113 5.37 22.45 -1.55
N GLY A 114 6.57 21.91 -1.52
CA GLY A 114 7.32 21.83 -0.27
C GLY A 114 6.92 20.66 0.62
N VAL A 115 6.27 19.65 0.05
CA VAL A 115 6.00 18.43 0.80
C VAL A 115 7.33 17.71 1.03
N SER A 116 7.60 17.33 2.26
CA SER A 116 8.85 16.63 2.55
C SER A 116 8.90 15.24 1.91
N PRO A 117 10.01 14.89 1.26
CA PRO A 117 10.13 13.53 0.72
C PRO A 117 10.37 12.50 1.82
N THR A 118 10.74 12.94 3.01
CA THR A 118 11.04 12.02 4.11
C THR A 118 10.04 12.18 5.23
N GLY A 119 9.94 11.15 6.07
CA GLY A 119 9.15 11.24 7.29
C GLY A 119 7.65 11.13 7.09
N ASN A 120 7.26 10.30 6.13
CA ASN A 120 5.85 10.15 5.75
C ASN A 120 5.27 8.80 6.17
N ALA A 121 3.96 8.62 5.92
CA ALA A 121 3.27 7.37 6.19
C ALA A 121 2.74 6.78 4.90
N ALA A 122 2.88 5.47 4.75
CA ALA A 122 2.26 4.74 3.66
C ALA A 122 1.12 3.88 4.22
N VAL A 123 -0.08 4.07 3.68
CA VAL A 123 -1.26 3.35 4.13
C VAL A 123 -1.88 2.66 2.93
N GLY A 124 -1.97 1.33 2.99
CA GLY A 124 -2.51 0.56 1.88
C GLY A 124 -3.59 -0.41 2.33
N LEU A 125 -4.41 -0.84 1.39
CA LEU A 125 -5.42 -1.84 1.70
C LEU A 125 -5.49 -2.84 0.58
N SER A 126 -5.97 -4.04 0.90
CA SER A 126 -6.01 -5.13 -0.06
C SER A 126 -4.65 -5.23 -0.74
N MET A 127 -4.64 -5.15 -2.06
CA MET A 127 -3.42 -5.19 -2.82
C MET A 127 -2.28 -4.33 -2.27
N SER A 128 -2.58 -3.11 -1.83
CA SER A 128 -1.52 -2.21 -1.43
C SER A 128 -1.15 -2.28 0.05
N GLY A 129 -1.79 -3.16 0.83
CA GLY A 129 -1.39 -3.29 2.22
C GLY A 129 0.04 -3.78 2.33
N GLY A 130 0.34 -4.83 1.59
CA GLY A 130 1.70 -5.32 1.53
C GLY A 130 2.66 -4.30 0.92
N SER A 131 2.20 -3.59 -0.10
CA SER A 131 3.00 -2.55 -0.74
C SER A 131 3.50 -1.52 0.27
N ALA A 132 2.60 -1.09 1.16
CA ALA A 132 2.95 -0.10 2.17
C ALA A 132 4.08 -0.61 3.06
N LEU A 133 3.99 -1.88 3.47
CA LEU A 133 5.02 -2.47 4.30
C LEU A 133 6.34 -2.60 3.55
N ILE A 134 6.28 -2.97 2.27
CA ILE A 134 7.49 -3.08 1.46
C ILE A 134 8.15 -1.72 1.24
N LEU A 135 7.35 -0.68 1.01
CA LEU A 135 7.91 0.66 0.90
C LEU A 135 8.67 1.03 2.17
N ALA A 136 8.11 0.72 3.34
CA ALA A 136 8.80 1.04 4.58
C ALA A 136 10.02 0.17 4.77
N ALA A 137 9.96 -1.08 4.30
CA ALA A 137 11.09 -1.99 4.45
C ALA A 137 12.31 -1.50 3.68
N TYR A 138 12.11 -0.99 2.47
CA TYR A 138 13.23 -0.62 1.61
C TYR A 138 13.53 0.87 1.58
N TYR A 139 12.57 1.68 2.04
CA TYR A 139 12.75 3.14 2.02
C TYR A 139 12.39 3.73 3.39
N PRO A 140 13.12 3.31 4.44
CA PRO A 140 12.71 3.69 5.80
C PRO A 140 12.75 5.19 6.09
N GLN A 141 13.68 5.92 5.49
CA GLN A 141 13.72 7.36 5.75
C GLN A 141 12.48 8.03 5.17
N GLN A 142 11.96 7.50 4.07
CA GLN A 142 10.76 8.05 3.47
C GLN A 142 9.49 7.63 4.19
N PHE A 143 9.47 6.39 4.71
CA PHE A 143 8.27 5.86 5.35
C PHE A 143 8.59 5.21 6.68
N PRO A 144 8.72 6.03 7.74
CA PRO A 144 8.87 5.51 9.10
C PRO A 144 7.57 4.88 9.62
N TYR A 145 6.46 5.06 8.92
CA TYR A 145 5.15 4.55 9.32
C TYR A 145 4.54 3.82 8.14
N ALA A 146 4.04 2.60 8.37
CA ALA A 146 3.30 1.89 7.33
C ALA A 146 2.11 1.16 7.91
N ALA A 147 0.99 1.23 7.22
CA ALA A 147 -0.20 0.50 7.61
C ALA A 147 -0.65 -0.42 6.49
N SER A 148 -0.99 -1.64 6.86
CA SER A 148 -1.53 -2.65 5.95
C SER A 148 -2.92 -3.03 6.40
N LEU A 149 -3.92 -2.68 5.60
CA LEU A 149 -5.31 -3.01 5.93
C LEU A 149 -5.77 -4.14 5.02
N SER A 150 -5.88 -5.35 5.57
CA SER A 150 -6.26 -6.53 4.78
C SER A 150 -5.31 -6.77 3.61
N GLY A 151 -4.02 -6.60 3.85
CA GLY A 151 -3.02 -6.84 2.81
C GLY A 151 -2.64 -8.29 2.63
N PHE A 152 -1.92 -8.57 1.55
CA PHE A 152 -1.31 -9.89 1.34
C PHE A 152 0.04 -9.91 2.05
N LEU A 153 0.08 -10.52 3.22
CA LEU A 153 1.27 -10.41 4.07
C LEU A 153 2.35 -11.44 3.78
N ASN A 154 2.03 -12.46 2.99
CA ASN A 154 3.01 -13.50 2.66
C ASN A 154 2.83 -13.94 1.20
N PRO A 155 2.95 -12.98 0.25
CA PRO A 155 2.57 -13.25 -1.14
C PRO A 155 3.40 -14.33 -1.82
N SER A 156 4.60 -14.64 -1.33
CA SER A 156 5.45 -15.62 -1.99
C SER A 156 5.19 -17.05 -1.53
N GLU A 157 4.32 -17.22 -0.54
CA GLU A 157 4.16 -18.51 0.14
C GLU A 157 2.91 -19.27 -0.25
N GLY A 158 3.05 -20.59 -0.40
CA GLY A 158 1.92 -21.49 -0.48
C GLY A 158 0.95 -21.18 -1.60
N TRP A 159 -0.31 -20.92 -1.24
CA TRP A 159 -1.35 -20.61 -2.19
C TRP A 159 -1.28 -19.19 -2.74
N TRP A 160 -0.54 -18.30 -2.08
CA TRP A 160 -0.71 -16.88 -2.40
C TRP A 160 -0.23 -16.46 -3.80
N PRO A 161 0.89 -17.00 -4.31
CA PRO A 161 1.22 -16.57 -5.69
C PRO A 161 0.13 -16.91 -6.70
N THR A 162 -0.50 -18.07 -6.53
CA THR A 162 -1.59 -18.48 -7.41
C THR A 162 -2.81 -17.58 -7.20
N LEU A 163 -3.20 -17.37 -5.95
CA LEU A 163 -4.37 -16.55 -5.67
C LEU A 163 -4.19 -15.09 -6.10
N ILE A 164 -2.99 -14.56 -5.91
CA ILE A 164 -2.70 -13.20 -6.36
C ILE A 164 -2.79 -13.12 -7.87
N GLY A 165 -2.23 -14.13 -8.56
CA GLY A 165 -2.29 -14.16 -10.02
C GLY A 165 -3.73 -14.20 -10.50
N LEU A 166 -4.58 -14.99 -9.84
CA LEU A 166 -5.98 -15.07 -10.24
C LEU A 166 -6.70 -13.75 -10.01
N ALA A 167 -6.39 -13.08 -8.89
CA ALA A 167 -7.04 -11.81 -8.56
C ALA A 167 -6.63 -10.71 -9.54
N MET A 168 -5.35 -10.68 -9.90
CA MET A 168 -4.86 -9.70 -10.87
C MET A 168 -5.48 -9.92 -12.23
N ASN A 169 -5.67 -11.18 -12.61
CA ASN A 169 -6.26 -11.45 -13.91
C ASN A 169 -7.72 -11.07 -13.91
N ASP A 170 -8.41 -11.31 -12.80
CA ASP A 170 -9.81 -10.93 -12.70
C ASP A 170 -9.99 -9.42 -12.67
N SER A 171 -8.97 -8.71 -12.20
CA SER A 171 -9.01 -7.26 -12.09
C SER A 171 -8.27 -6.63 -13.25
N GLY A 172 -8.90 -6.65 -14.43
CA GLY A 172 -8.35 -5.99 -15.59
C GLY A 172 -7.43 -6.84 -16.45
N GLY A 173 -7.33 -8.13 -16.16
CA GLY A 173 -6.56 -9.04 -16.99
C GLY A 173 -5.06 -8.91 -16.85
N TYR A 174 -4.60 -8.43 -15.71
CA TYR A 174 -3.16 -8.27 -15.50
C TYR A 174 -2.48 -9.59 -15.16
N ASN A 175 -1.23 -9.74 -15.60
CA ASN A 175 -0.48 -10.99 -15.49
C ASN A 175 0.65 -10.92 -14.46
N ALA A 176 0.52 -11.69 -13.39
CA ALA A 176 1.51 -11.68 -12.33
C ALA A 176 2.90 -12.10 -12.81
N ASN A 177 2.97 -12.93 -13.85
CA ASN A 177 4.26 -13.31 -14.38
C ASN A 177 5.04 -12.11 -14.93
N SER A 178 4.32 -11.16 -15.51
CA SER A 178 4.96 -9.95 -16.03
C SER A 178 5.42 -9.01 -14.91
N MET A 179 4.82 -9.18 -13.73
CA MET A 179 5.11 -8.34 -12.58
C MET A 179 6.37 -8.82 -11.85
N TRP A 180 6.29 -10.01 -11.25
CA TRP A 180 7.39 -10.53 -10.44
C TRP A 180 7.94 -11.85 -10.97
N GLY A 181 7.54 -12.25 -12.17
CA GLY A 181 8.02 -13.50 -12.74
C GLY A 181 7.24 -14.70 -12.21
N PRO A 182 7.70 -15.91 -12.55
CA PRO A 182 7.11 -17.10 -11.93
C PRO A 182 7.38 -17.08 -10.43
N SER A 183 6.64 -17.87 -9.64
CA SER A 183 6.72 -17.76 -8.19
C SER A 183 8.10 -18.11 -7.62
N SER A 184 8.94 -18.74 -8.44
CA SER A 184 10.31 -19.05 -8.05
C SER A 184 11.28 -17.87 -8.20
N ASP A 185 10.84 -16.82 -8.89
CA ASP A 185 11.64 -15.61 -9.12
C ASP A 185 11.93 -14.88 -7.81
N PRO A 186 13.15 -14.34 -7.64
CA PRO A 186 13.49 -13.63 -6.39
C PRO A 186 12.58 -12.45 -6.07
N ALA A 187 11.90 -11.89 -7.07
CA ALA A 187 11.04 -10.73 -6.83
C ALA A 187 9.88 -11.06 -5.88
N TRP A 188 9.41 -12.30 -5.86
CA TRP A 188 8.33 -12.66 -4.96
C TRP A 188 8.75 -12.53 -3.50
N LYS A 189 9.91 -13.06 -3.14
CA LYS A 189 10.39 -12.93 -1.77
C LYS A 189 10.82 -11.50 -1.45
N ARG A 190 11.39 -10.81 -2.43
CA ARG A 190 11.81 -9.42 -2.24
C ARG A 190 10.63 -8.58 -1.77
N ASN A 191 9.47 -8.84 -2.36
CA ASN A 191 8.29 -8.05 -2.10
C ASN A 191 7.31 -8.67 -1.11
N ASP A 192 7.81 -9.59 -0.31
CA ASP A 192 6.99 -10.31 0.66
C ASP A 192 7.19 -9.70 2.05
N PRO A 193 6.14 -9.07 2.60
CA PRO A 193 6.31 -8.44 3.93
C PRO A 193 6.78 -9.40 5.02
N MET A 194 6.26 -10.62 5.02
CA MET A 194 6.67 -11.63 5.99
C MET A 194 8.18 -11.87 5.91
N VAL A 195 8.66 -12.06 4.69
CA VAL A 195 10.08 -12.33 4.47
C VAL A 195 10.92 -11.11 4.87
N GLN A 196 10.35 -9.91 4.72
CA GLN A 196 11.09 -8.69 5.03
C GLN A 196 10.86 -8.17 6.45
N ILE A 197 10.25 -8.97 7.31
CA ILE A 197 10.08 -8.57 8.71
C ILE A 197 11.41 -8.12 9.35
N PRO A 198 12.54 -8.81 9.08
CA PRO A 198 13.77 -8.31 9.71
C PRO A 198 14.14 -6.89 9.32
N ARG A 199 13.79 -6.45 8.11
CA ARG A 199 14.02 -5.06 7.73
C ARG A 199 13.11 -4.12 8.50
N LEU A 200 11.84 -4.48 8.63
CA LEU A 200 10.90 -3.69 9.41
C LEU A 200 11.35 -3.55 10.88
N VAL A 201 11.91 -4.61 11.43
CA VAL A 201 12.44 -4.57 12.79
C VAL A 201 13.70 -3.71 12.85
N ALA A 202 14.65 -3.94 11.94
CA ALA A 202 15.89 -3.17 11.92
C ALA A 202 15.63 -1.67 11.75
N ASN A 203 14.65 -1.34 10.92
CA ASN A 203 14.29 0.07 10.65
C ASN A 203 13.48 0.70 11.77
N ASN A 204 13.01 -0.12 12.71
CA ASN A 204 12.07 0.30 13.74
C ASN A 204 10.83 0.94 13.14
N THR A 205 10.40 0.43 12.00
CA THR A 205 9.20 0.92 11.36
C THR A 205 8.02 0.84 12.32
N ARG A 206 7.21 1.88 12.35
CA ARG A 206 5.95 1.83 13.07
C ARG A 206 4.97 1.16 12.13
N ILE A 207 4.51 -0.04 12.44
CA ILE A 207 3.55 -0.72 11.57
C ILE A 207 2.18 -0.87 12.23
N TRP A 208 1.15 -0.71 11.42
CA TRP A 208 -0.23 -0.86 11.82
C TRP A 208 -0.84 -1.91 10.91
N VAL A 209 -1.20 -3.05 11.47
CA VAL A 209 -1.66 -4.16 10.66
C VAL A 209 -3.08 -4.54 11.08
N TYR A 210 -4.01 -4.44 10.13
CA TYR A 210 -5.40 -4.79 10.34
C TYR A 210 -5.78 -5.97 9.47
N CYS A 211 -6.56 -6.90 10.03
CA CYS A 211 -7.38 -7.73 9.14
C CYS A 211 -8.65 -8.19 9.82
N GLY A 212 -9.69 -8.34 9.00
CA GLY A 212 -10.96 -8.85 9.47
C GLY A 212 -11.09 -10.29 9.06
N ASN A 213 -12.33 -10.79 9.08
CA ASN A 213 -12.60 -12.15 8.64
C ASN A 213 -13.96 -12.24 7.94
N ILE A 224 -12.53 -20.83 -5.59
CA ILE A 224 -12.41 -21.65 -4.39
C ILE A 224 -13.38 -21.19 -3.30
N PRO A 225 -13.86 -22.13 -2.46
CA PRO A 225 -14.81 -21.80 -1.40
C PRO A 225 -14.32 -20.72 -0.45
N ALA A 226 -15.23 -19.85 -0.03
CA ALA A 226 -14.89 -18.72 0.83
C ALA A 226 -14.28 -19.15 2.16
N LYS A 227 -14.76 -20.24 2.73
CA LYS A 227 -14.26 -20.69 4.03
C LYS A 227 -12.82 -21.17 3.94
N PHE A 228 -12.44 -21.74 2.81
CA PHE A 228 -11.07 -22.16 2.59
C PHE A 228 -10.16 -20.94 2.52
N LEU A 229 -10.58 -19.94 1.75
CA LEU A 229 -9.82 -18.69 1.64
C LEU A 229 -9.69 -18.02 2.99
N GLU A 230 -10.77 -18.03 3.77
CA GLU A 230 -10.73 -17.43 5.10
C GLU A 230 -9.72 -18.11 6.01
N GLY A 231 -9.63 -19.44 5.92
CA GLY A 231 -8.65 -20.18 6.70
C GLY A 231 -7.23 -19.85 6.32
N LEU A 232 -6.95 -19.75 5.03
CA LEU A 232 -5.61 -19.38 4.58
C LEU A 232 -5.23 -18.01 5.11
N THR A 233 -6.19 -17.10 5.02
CA THR A 233 -5.97 -15.71 5.39
C THR A 233 -5.68 -15.61 6.88
N LEU A 234 -6.49 -16.29 7.68
CA LEU A 234 -6.31 -16.27 9.13
C LEU A 234 -4.95 -16.81 9.51
N ARG A 235 -4.56 -17.94 8.95
CA ARG A 235 -3.27 -18.54 9.29
C ARG A 235 -2.10 -17.65 8.88
N THR A 236 -2.17 -17.06 7.69
CA THR A 236 -1.09 -16.19 7.26
C THR A 236 -0.96 -14.94 8.15
N ASN A 237 -2.11 -14.38 8.52
CA ASN A 237 -2.09 -13.18 9.36
C ASN A 237 -1.54 -13.47 10.74
N GLN A 238 -1.93 -14.59 11.32
CA GLN A 238 -1.40 -14.97 12.61
C GLN A 238 0.10 -15.25 12.54
N THR A 239 0.54 -15.90 11.47
CA THR A 239 1.95 -16.18 11.29
C THR A 239 2.76 -14.88 11.18
N PHE A 240 2.22 -13.89 10.47
CA PHE A 240 2.92 -12.61 10.36
C PHE A 240 3.10 -11.97 11.73
N ARG A 241 2.01 -11.90 12.49
CA ARG A 241 2.06 -11.30 13.82
C ARG A 241 3.07 -12.02 14.73
N ASP A 242 3.02 -13.35 14.74
CA ASP A 242 3.92 -14.13 15.59
C ASP A 242 5.36 -13.95 15.17
N THR A 243 5.59 -13.93 13.86
CA THR A 243 6.95 -13.78 13.33
C THR A 243 7.52 -12.39 13.64
N TYR A 244 6.68 -11.36 13.57
CA TYR A 244 7.13 -10.02 13.92
C TYR A 244 7.62 -9.98 15.37
N ALA A 245 6.85 -10.55 16.28
CA ALA A 245 7.27 -10.58 17.68
C ALA A 245 8.52 -11.45 17.88
N ALA A 246 8.54 -12.61 17.24
CA ALA A 246 9.68 -13.53 17.35
C ALA A 246 10.99 -12.91 16.86
N ASP A 247 10.89 -12.03 15.87
CA ASP A 247 12.06 -11.42 15.25
C ASP A 247 12.49 -10.15 15.97
N GLY A 248 11.87 -9.85 17.10
CA GLY A 248 12.26 -8.70 17.91
C GLY A 248 11.48 -7.44 17.62
N GLY A 249 10.40 -7.56 16.87
CA GLY A 249 9.57 -6.41 16.55
C GLY A 249 8.90 -5.87 17.80
N ARG A 250 8.94 -4.54 17.96
CA ARG A 250 8.40 -3.89 19.15
C ARG A 250 7.69 -2.58 18.84
N ASN A 251 7.35 -2.36 17.59
CA ASN A 251 6.76 -1.10 17.21
C ASN A 251 5.53 -1.30 16.31
N GLY A 252 4.74 -2.32 16.63
CA GLY A 252 3.59 -2.66 15.83
C GLY A 252 2.27 -2.62 16.58
N VAL A 253 1.23 -2.32 15.84
CA VAL A 253 -0.15 -2.40 16.30
C VAL A 253 -0.85 -3.47 15.45
N PHE A 254 -1.43 -4.48 16.08
CA PHE A 254 -2.12 -5.55 15.37
C PHE A 254 -3.57 -5.58 15.77
N ASN A 255 -4.44 -5.29 14.80
CA ASN A 255 -5.87 -5.19 15.04
C ASN A 255 -6.58 -6.31 14.29
N PHE A 256 -7.06 -7.28 15.06
CA PHE A 256 -7.79 -8.42 14.52
C PHE A 256 -9.17 -8.52 15.18
N PRO A 257 -10.00 -7.47 15.04
CA PRO A 257 -11.32 -7.56 15.69
C PRO A 257 -12.19 -8.63 15.03
N PRO A 258 -12.87 -9.46 15.85
CA PRO A 258 -13.75 -10.50 15.28
C PRO A 258 -14.80 -9.98 14.30
N ASN A 259 -15.32 -8.78 14.51
CA ASN A 259 -16.35 -8.22 13.64
C ASN A 259 -15.80 -7.49 12.41
N GLY A 260 -14.48 -7.49 12.25
CA GLY A 260 -13.88 -6.74 11.15
C GLY A 260 -14.18 -7.34 9.79
N THR A 261 -14.41 -6.48 8.79
CA THR A 261 -14.65 -6.92 7.43
C THR A 261 -13.60 -6.35 6.49
N GLN A 262 -13.54 -6.92 5.28
CA GLN A 262 -12.69 -6.40 4.20
C GLN A 262 -13.52 -5.49 3.33
N SER A 263 -13.74 -4.26 3.80
CA SER A 263 -14.65 -3.35 3.13
C SER A 263 -14.23 -1.92 3.38
N TRP A 264 -14.61 -1.01 2.49
CA TRP A 264 -14.28 0.40 2.68
C TRP A 264 -14.77 0.98 4.03
N PRO A 265 -15.98 0.61 4.49
CA PRO A 265 -16.37 1.16 5.80
C PRO A 265 -15.41 0.80 6.93
N TYR A 266 -14.93 -0.44 6.96
CA TYR A 266 -14.02 -0.82 8.03
C TYR A 266 -12.61 -0.31 7.79
N TRP A 267 -12.18 -0.25 6.53
CA TRP A 267 -10.87 0.33 6.22
C TRP A 267 -10.86 1.80 6.61
N ASN A 268 -11.98 2.50 6.40
CA ASN A 268 -12.09 3.86 6.90
C ASN A 268 -12.02 3.93 8.42
N GLU A 269 -12.69 3.01 9.11
CA GLU A 269 -12.63 3.01 10.56
CA GLU A 269 -12.63 2.95 10.57
C GLU A 269 -11.18 2.90 11.03
N GLN A 270 -10.40 2.05 10.38
CA GLN A 270 -8.99 1.91 10.75
C GLN A 270 -8.18 3.17 10.40
N LEU A 271 -8.45 3.78 9.25
CA LEU A 271 -7.76 5.01 8.89
C LEU A 271 -8.02 6.10 9.92
N VAL A 272 -9.27 6.20 10.39
CA VAL A 272 -9.58 7.17 11.43
C VAL A 272 -8.89 6.80 12.75
N ALA A 273 -8.91 5.52 13.11
CA ALA A 273 -8.34 5.06 14.36
C ALA A 273 -6.84 5.33 14.43
N MET A 274 -6.15 5.23 13.30
CA MET A 274 -4.71 5.41 13.30
C MET A 274 -4.26 6.87 13.19
N LYS A 275 -5.21 7.81 13.04
CA LYS A 275 -4.80 9.20 12.83
C LYS A 275 -3.93 9.74 13.96
N ALA A 276 -4.35 9.53 15.21
CA ALA A 276 -3.57 10.01 16.33
C ALA A 276 -2.21 9.32 16.36
N ASP A 277 -2.19 8.06 15.96
CA ASP A 277 -0.95 7.29 15.92
C ASP A 277 0.03 7.90 14.91
N ILE A 278 -0.46 8.20 13.71
CA ILE A 278 0.36 8.79 12.67
C ILE A 278 0.83 10.18 13.09
N GLN A 279 -0.08 10.98 13.66
CA GLN A 279 0.31 12.31 14.12
C GLN A 279 1.45 12.26 15.12
N HIS A 280 1.38 11.34 16.07
CA HIS A 280 2.42 11.28 17.10
C HIS A 280 3.75 10.79 16.52
N VAL A 281 3.71 9.85 15.58
CA VAL A 281 4.94 9.33 15.02
C VAL A 281 5.59 10.33 14.05
N LEU A 282 4.80 10.94 13.18
CA LEU A 282 5.35 11.82 12.16
C LEU A 282 5.58 13.27 12.63
N ASN A 283 4.75 13.75 13.54
CA ASN A 283 4.81 15.15 13.95
C ASN A 283 5.13 15.32 15.43
N GLY A 284 5.50 14.23 16.09
CA GLY A 284 5.89 14.28 17.49
C GLY A 284 4.73 14.53 18.43
C1 1N7 B . -10.80 -12.26 -16.44
C2 1N7 B . -10.80 -12.30 -17.99
C3 1N7 B . -9.89 -9.87 -18.10
C4 1N7 B . -9.95 -8.52 -18.84
C5 1N7 B . -9.88 -8.62 -20.39
C6 1N7 B . -10.93 -9.62 -20.86
C7 1N7 B . -10.85 -9.57 -22.39
C8 1N7 B . -10.51 -8.10 -22.70
C9 1N7 B . -10.17 -7.48 -21.29
C10 1N7 B . -8.51 -9.08 -20.57
C11 1N7 B . -9.46 -12.91 -18.24
C12 1N7 B . -12.16 -11.82 -15.91
C13 1N7 B . -13.30 -12.76 -16.43
C14 1N7 B . -13.30 -12.89 -17.95
C15 1N7 B . -11.91 -13.24 -18.52
C16 1N7 B . -11.96 -13.32 -20.05
C17 1N7 B . -11.98 -11.96 -20.74
C18 1N7 B . -10.88 -11.01 -20.18
C19 1N7 B . -10.91 -10.90 -18.65
C20 1N7 B . -9.18 -6.25 -21.45
C21 1N7 B . -8.83 -5.56 -20.16
C22 1N7 B . -9.67 -5.15 -22.41
C23 1N7 B . -8.81 -3.89 -22.62
O2 1N7 B . -14.67 -12.42 -15.92
O3 1N7 B . -13.21 -11.32 -20.63
O4 1N7 B . -11.14 -7.87 -18.55
C ACY C . -12.85 15.46 -3.06
O ACY C . -13.11 14.78 -2.04
OXT ACY C . -12.41 14.99 -4.12
CH3 ACY C . -13.12 16.93 -2.98
#